data_7BHW
#
_entry.id   7BHW
#
_cell.length_a   68.580
_cell.length_b   94.199
_cell.length_c   117.404
_cell.angle_alpha   90.000
_cell.angle_beta   90.000
_cell.angle_gamma   90.000
#
_symmetry.space_group_name_H-M   'I 2 2 2'
#
loop_
_entity.id
_entity.type
_entity.pdbx_description
1 polymer 'S-adenosylmethionine synthase isoform type-2'
2 non-polymer 7-chloranyl-4-(dimethylamino)-1-(3-methylphenyl)quinazolin-2-one
3 non-polymer S-ADENOSYLMETHIONINE
4 water water
#
_entity_poly.entity_id   1
_entity_poly.type   'polypeptide(L)'
_entity_poly.pdbx_seq_one_letter_code
;QSMNGQLNGFHEAFIEEGTFLFTSESVGEGHPDKICDQISDAVLDAHLQQDPDAKVACETVAKTGMILLAGEITSRAAVD
YQKVVREAVKHIGYDDSSKGFDYKTCNVLVALEQQSPDIAQGVHLDRNEEDIGAGDQGLMFGYATDETEECMPLTIVLAH
KLNAKLAELRRNGTLPWLRPDSKTQVTVQYMQDRGAVLPIRVHTIVISVQHDEEVCLDEMRDALKEKVIKAVVPAKYLDE
DTIYHLQPSGRFVIGGPQGDAGLTGRKIIVDTYGGWGAHGGGAFSGKDYTKVDRSAAYAARWVAKSLVKGGLCRRVLVQV
SYAIGVSHPLSISIFHYGTSQKSERELLEIVKKNFDLRPGVIVRDLDLKKPIYQRTAAYGHFGRDSFPWEVPKKLKY
;
_entity_poly.pdbx_strand_id   A
#
# COMPACT_ATOMS: atom_id res chain seq x y z
N GLY A 18 -9.24 29.07 8.06
CA GLY A 18 -9.55 27.65 8.02
C GLY A 18 -8.66 26.88 7.06
N THR A 19 -7.79 27.57 6.30
CA THR A 19 -6.92 26.81 5.37
C THR A 19 -5.73 26.22 6.11
N PHE A 20 -5.26 25.09 5.59
CA PHE A 20 -4.11 24.42 6.17
C PHE A 20 -3.42 23.61 5.08
N LEU A 21 -2.20 23.17 5.37
CA LEU A 21 -1.45 22.33 4.46
C LEU A 21 -1.44 20.90 4.96
N PHE A 22 -1.31 19.94 4.05
CA PHE A 22 -1.05 18.57 4.45
C PHE A 22 -0.19 17.94 3.36
N THR A 23 0.75 17.10 3.75
CA THR A 23 1.68 16.50 2.82
C THR A 23 1.62 14.98 2.90
N SER A 24 1.70 14.33 1.72
CA SER A 24 1.87 12.87 1.62
C SER A 24 2.89 12.52 0.59
N GLU A 25 3.50 11.33 0.71
CA GLU A 25 4.46 10.88 -0.30
C GLU A 25 4.04 9.56 -0.91
N SER A 26 4.71 9.23 -2.02
CA SER A 26 4.59 7.90 -2.62
C SER A 26 5.95 7.53 -3.18
N VAL A 27 6.14 6.26 -3.55
CA VAL A 27 7.36 5.82 -4.18
C VAL A 27 7.05 4.94 -5.38
N GLY A 28 8.03 4.79 -6.27
CA GLY A 28 7.85 3.98 -7.47
C GLY A 28 8.12 2.51 -7.25
N GLU A 29 7.87 1.74 -8.29
CA GLU A 29 8.03 0.29 -8.26
C GLU A 29 9.48 -0.13 -7.99
N GLY A 30 10.44 0.69 -8.39
CA GLY A 30 11.83 0.36 -8.18
C GLY A 30 12.46 0.95 -6.96
N HIS A 31 11.66 1.65 -6.10
CA HIS A 31 12.18 2.09 -4.82
C HIS A 31 12.53 0.79 -4.05
N PRO A 32 13.69 0.70 -3.39
CA PRO A 32 14.12 -0.60 -2.84
C PRO A 32 13.20 -1.22 -1.81
N ASP A 33 12.51 -0.38 -0.99
CA ASP A 33 11.53 -0.96 -0.04
C ASP A 33 10.37 -1.52 -0.80
N LYS A 34 9.89 -0.80 -1.82
CA LYS A 34 8.80 -1.30 -2.64
C LYS A 34 9.15 -2.55 -3.45
N ILE A 35 10.41 -2.66 -3.89
CA ILE A 35 10.83 -3.89 -4.56
C ILE A 35 10.57 -5.08 -3.61
N CYS A 36 10.97 -4.89 -2.33
CA CYS A 36 10.77 -5.96 -1.36
C CYS A 36 9.31 -6.29 -1.15
N ASP A 37 8.42 -5.29 -1.05
CA ASP A 37 7.01 -5.58 -0.91
C ASP A 37 6.50 -6.38 -2.11
N GLN A 38 6.89 -5.99 -3.34
CA GLN A 38 6.41 -6.67 -4.52
C GLN A 38 6.94 -8.10 -4.58
N ILE A 39 8.21 -8.34 -4.19
CA ILE A 39 8.74 -9.70 -4.20
C ILE A 39 8.02 -10.54 -3.13
N SER A 40 7.82 -10.00 -1.93
CA SER A 40 7.12 -10.73 -0.88
C SER A 40 5.73 -11.16 -1.35
N ASP A 41 5.02 -10.27 -2.03
CA ASP A 41 3.69 -10.61 -2.54
C ASP A 41 3.73 -11.52 -3.77
N ALA A 42 4.80 -11.47 -4.58
CA ALA A 42 4.95 -12.43 -5.68
C ALA A 42 5.12 -13.83 -5.08
N VAL A 43 5.85 -13.95 -3.98
CA VAL A 43 6.05 -15.23 -3.30
C VAL A 43 4.72 -15.72 -2.72
N LEU A 44 3.98 -14.82 -2.06
CA LEU A 44 2.68 -15.18 -1.52
C LEU A 44 1.75 -15.68 -2.63
N ASP A 45 1.66 -14.91 -3.73
CA ASP A 45 0.78 -15.32 -4.84
C ASP A 45 1.22 -16.65 -5.42
N ALA A 46 2.53 -16.90 -5.56
CA ALA A 46 3.02 -18.18 -6.10
C ALA A 46 2.55 -19.36 -5.23
N HIS A 47 2.58 -19.16 -3.90
CA HIS A 47 2.07 -20.21 -3.02
C HIS A 47 0.57 -20.37 -3.14
N LEU A 48 -0.18 -19.25 -3.14
CA LEU A 48 -1.66 -19.32 -3.19
C LEU A 48 -2.18 -19.91 -4.48
N GLN A 49 -1.42 -19.80 -5.58
CA GLN A 49 -1.83 -20.38 -6.88
C GLN A 49 -1.92 -21.89 -6.76
N GLN A 50 -1.12 -22.51 -5.90
CA GLN A 50 -1.10 -23.96 -5.71
C GLN A 50 -1.79 -24.42 -4.44
N ASP A 51 -1.73 -23.62 -3.36
CA ASP A 51 -2.28 -23.98 -2.05
C ASP A 51 -3.01 -22.77 -1.51
N PRO A 52 -4.35 -22.69 -1.68
CA PRO A 52 -5.10 -21.53 -1.17
C PRO A 52 -4.97 -21.32 0.33
N ASP A 53 -4.60 -22.39 1.07
CA ASP A 53 -4.44 -22.33 2.51
C ASP A 53 -3.01 -22.21 2.98
N ALA A 54 -2.11 -21.78 2.08
CA ALA A 54 -0.71 -21.59 2.50
C ALA A 54 -0.61 -20.57 3.63
N LYS A 55 0.28 -20.84 4.59
CA LYS A 55 0.62 -19.95 5.69
C LYS A 55 1.93 -19.30 5.30
N VAL A 56 1.89 -17.98 5.04
CA VAL A 56 3.05 -17.28 4.47
C VAL A 56 3.35 -16.05 5.28
N ALA A 57 4.63 -15.87 5.61
CA ALA A 57 5.14 -14.69 6.30
C ALA A 57 6.54 -14.44 5.72
N CYS A 58 6.57 -13.93 4.51
CA CYS A 58 7.78 -13.75 3.71
C CYS A 58 8.32 -12.36 3.78
N GLU A 59 9.47 -12.14 4.40
CA GLU A 59 10.14 -10.85 4.39
C GLU A 59 11.20 -10.88 3.30
N THR A 60 11.41 -9.75 2.64
CA THR A 60 12.43 -9.61 1.61
C THR A 60 13.37 -8.48 2.03
N VAL A 61 14.67 -8.67 1.79
CA VAL A 61 15.70 -7.66 1.98
C VAL A 61 16.42 -7.49 0.65
N ALA A 62 16.66 -6.24 0.27
CA ALA A 62 17.37 -5.93 -0.98
C ALA A 62 18.54 -5.02 -0.72
N LYS A 63 19.70 -5.36 -1.24
CA LYS A 63 20.86 -4.47 -1.17
C LYS A 63 21.64 -4.75 -2.46
N THR A 64 22.71 -4.03 -2.73
CA THR A 64 23.48 -4.22 -3.96
C THR A 64 23.62 -5.69 -4.29
N GLY A 65 23.13 -6.08 -5.44
CA GLY A 65 23.27 -7.43 -5.96
C GLY A 65 22.56 -8.53 -5.22
N MET A 66 21.69 -8.23 -4.24
CA MET A 66 21.11 -9.27 -3.41
C MET A 66 19.65 -9.07 -3.13
N ILE A 67 18.91 -10.19 -3.27
CA ILE A 67 17.58 -10.36 -2.73
C ILE A 67 17.68 -11.50 -1.72
N LEU A 68 17.35 -11.24 -0.46
CA LEU A 68 17.28 -12.30 0.53
C LEU A 68 15.83 -12.47 0.97
N LEU A 69 15.32 -13.69 0.98
CA LEU A 69 13.99 -14.05 1.50
C LEU A 69 14.18 -14.62 2.90
N ALA A 70 13.52 -14.09 3.89
CA ALA A 70 13.61 -14.61 5.26
C ALA A 70 12.21 -14.68 5.85
N GLY A 71 11.89 -15.75 6.53
CA GLY A 71 10.56 -15.85 7.10
C GLY A 71 10.09 -17.26 7.21
N GLU A 72 8.76 -17.41 7.26
CA GLU A 72 8.13 -18.67 7.60
C GLU A 72 7.02 -18.97 6.65
N ILE A 73 7.09 -20.15 6.03
CA ILE A 73 6.08 -20.59 5.09
C ILE A 73 5.78 -22.05 5.34
N THR A 74 4.48 -22.40 5.51
CA THR A 74 4.03 -23.77 5.55
C THR A 74 2.99 -23.91 4.45
N SER A 75 3.29 -24.71 3.45
CA SER A 75 2.46 -24.77 2.27
C SER A 75 2.71 -26.08 1.55
N ARG A 76 1.68 -26.52 0.81
CA ARG A 76 1.78 -27.71 -0.03
C ARG A 76 2.33 -27.35 -1.42
N ALA A 77 2.50 -26.05 -1.72
CA ALA A 77 3.01 -25.63 -3.03
C ALA A 77 4.48 -26.01 -3.22
N ALA A 78 4.90 -26.17 -4.47
CA ALA A 78 6.30 -26.33 -4.85
C ALA A 78 6.65 -25.03 -5.60
N VAL A 79 7.35 -24.11 -4.92
CA VAL A 79 7.67 -22.79 -5.50
C VAL A 79 9.15 -22.67 -5.81
N ASP A 80 9.47 -22.24 -7.02
CA ASP A 80 10.83 -22.01 -7.44
C ASP A 80 11.16 -20.55 -7.10
N TYR A 81 11.74 -20.33 -5.92
CA TYR A 81 12.04 -18.98 -5.43
C TYR A 81 12.95 -18.20 -6.34
N GLN A 82 13.94 -18.84 -6.93
CA GLN A 82 14.84 -18.15 -7.84
C GLN A 82 14.03 -17.54 -8.98
N LYS A 83 13.16 -18.35 -9.61
CA LYS A 83 12.38 -17.90 -10.74
C LYS A 83 11.38 -16.79 -10.36
N VAL A 84 10.69 -16.96 -9.23
CA VAL A 84 9.68 -16.00 -8.82
C VAL A 84 10.32 -14.66 -8.53
N VAL A 85 11.42 -14.65 -7.77
CA VAL A 85 12.11 -13.41 -7.45
C VAL A 85 12.62 -12.72 -8.72
N ARG A 86 13.27 -13.47 -9.60
CA ARG A 86 13.85 -12.86 -10.78
C ARG A 86 12.81 -12.30 -11.71
N GLU A 87 11.68 -12.99 -11.85
CA GLU A 87 10.60 -12.47 -12.69
C GLU A 87 10.02 -11.16 -12.11
N ALA A 88 9.92 -11.07 -10.78
CA ALA A 88 9.39 -9.83 -10.18
C ALA A 88 10.34 -8.66 -10.45
N VAL A 89 11.65 -8.88 -10.32
CA VAL A 89 12.65 -7.85 -10.56
C VAL A 89 12.65 -7.44 -12.04
N LYS A 90 12.51 -8.42 -12.94
CA LYS A 90 12.42 -8.13 -14.38
C LYS A 90 11.23 -7.19 -14.67
N HIS A 91 10.07 -7.49 -14.09
CA HIS A 91 8.87 -6.68 -14.31
C HIS A 91 9.08 -5.25 -13.86
N ILE A 92 9.75 -5.06 -12.74
CA ILE A 92 10.04 -3.73 -12.18
C ILE A 92 10.92 -2.93 -13.13
N GLY A 93 11.83 -3.61 -13.85
CA GLY A 93 12.67 -2.97 -14.84
C GLY A 93 14.16 -2.99 -14.58
N TYR A 94 14.61 -3.73 -13.54
CA TYR A 94 16.04 -3.80 -13.25
C TYR A 94 16.63 -4.96 -14.01
N ASP A 95 17.11 -4.69 -15.21
CA ASP A 95 17.54 -5.70 -16.15
C ASP A 95 18.91 -5.48 -16.74
N ASP A 96 19.76 -4.68 -16.08
CA ASP A 96 21.10 -4.45 -16.62
C ASP A 96 21.96 -3.82 -15.56
N SER A 97 23.24 -4.22 -15.53
CA SER A 97 24.13 -3.66 -14.53
C SER A 97 24.28 -2.14 -14.67
N SER A 98 24.04 -1.59 -15.86
CA SER A 98 24.10 -0.13 -16.03
C SER A 98 23.04 0.61 -15.18
N LYS A 99 21.94 -0.10 -14.81
CA LYS A 99 20.85 0.46 -14.03
C LYS A 99 21.07 0.24 -12.54
N GLY A 100 22.13 -0.48 -12.19
CA GLY A 100 22.49 -0.73 -10.80
C GLY A 100 22.01 -2.06 -10.25
N PHE A 101 21.19 -2.80 -11.03
CA PHE A 101 20.61 -4.06 -10.54
C PHE A 101 20.10 -4.81 -11.74
N ASP A 102 20.29 -6.14 -11.75
CA ASP A 102 19.90 -6.95 -12.88
C ASP A 102 19.30 -8.25 -12.39
N TYR A 103 18.02 -8.53 -12.76
CA TYR A 103 17.36 -9.77 -12.38
C TYR A 103 18.12 -11.01 -12.86
N LYS A 104 18.82 -10.89 -13.99
CA LYS A 104 19.45 -12.07 -14.53
C LYS A 104 20.63 -12.56 -13.70
N THR A 105 21.32 -11.62 -13.04
CA THR A 105 22.63 -11.91 -12.46
C THR A 105 22.73 -11.59 -10.98
N CYS A 106 21.69 -11.11 -10.33
CA CYS A 106 21.74 -10.83 -8.90
C CYS A 106 21.78 -12.15 -8.10
N ASN A 107 22.19 -12.02 -6.84
CA ASN A 107 22.16 -13.12 -5.89
C ASN A 107 20.78 -13.22 -5.29
N VAL A 108 20.21 -14.43 -5.25
CA VAL A 108 18.95 -14.69 -4.55
C VAL A 108 19.30 -15.72 -3.46
N LEU A 109 19.11 -15.33 -2.21
CA LEU A 109 19.41 -16.13 -1.03
C LEU A 109 18.10 -16.44 -0.34
N VAL A 110 17.92 -17.68 0.14
CA VAL A 110 16.68 -18.08 0.76
C VAL A 110 16.94 -18.60 2.19
N ALA A 111 16.25 -18.00 3.17
CA ALA A 111 16.30 -18.39 4.59
C ALA A 111 14.88 -18.55 5.10
N LEU A 112 14.15 -19.49 4.49
CA LEU A 112 12.72 -19.72 4.79
C LEU A 112 12.55 -21.02 5.54
N GLU A 113 11.85 -20.96 6.64
CA GLU A 113 11.57 -22.14 7.43
C GLU A 113 10.07 -22.34 7.53
N GLN A 114 9.62 -23.40 8.14
CA GLN A 114 8.19 -23.60 8.33
C GLN A 114 7.65 -22.65 9.39
N GLN A 115 6.33 -22.41 9.38
CA GLN A 115 5.71 -21.66 10.44
C GLN A 115 5.92 -22.40 11.78
N SER A 116 6.20 -21.61 12.82
CA SER A 116 6.34 -22.17 14.16
C SER A 116 5.14 -23.08 14.47
N PRO A 117 5.38 -24.33 14.92
CA PRO A 117 4.26 -25.19 15.30
C PRO A 117 3.51 -24.63 16.50
N ASP A 118 4.19 -23.81 17.36
CA ASP A 118 3.51 -23.18 18.49
C ASP A 118 2.48 -22.15 18.03
N ILE A 119 2.81 -21.38 16.98
CA ILE A 119 1.84 -20.45 16.42
C ILE A 119 0.72 -21.25 15.75
N ALA A 120 1.10 -22.25 14.94
CA ALA A 120 0.09 -23.01 14.21
C ALA A 120 -0.96 -23.62 15.13
N GLN A 121 -0.52 -24.24 16.25
CA GLN A 121 -1.47 -24.87 17.15
C GLN A 121 -2.36 -23.86 17.84
N GLY A 122 -1.85 -22.65 18.07
CA GLY A 122 -2.65 -21.65 18.76
C GLY A 122 -3.57 -20.86 17.86
N VAL A 123 -3.31 -20.88 16.56
CA VAL A 123 -4.07 -20.05 15.62
C VAL A 123 -5.09 -20.82 14.79
N HIS A 124 -4.64 -21.90 14.13
CA HIS A 124 -5.50 -22.50 13.13
C HIS A 124 -5.62 -24.00 13.16
N LEU A 125 -4.71 -24.71 13.78
CA LEU A 125 -4.81 -26.17 13.76
C LEU A 125 -6.05 -26.68 14.45
N ASP A 126 -6.80 -27.56 13.77
CA ASP A 126 -8.06 -28.14 14.29
C ASP A 126 -9.10 -27.09 14.65
N ARG A 127 -9.15 -26.00 13.86
CA ARG A 127 -10.16 -24.97 14.04
C ARG A 127 -11.03 -24.88 12.84
N ASN A 128 -12.32 -24.70 13.07
CA ASN A 128 -13.26 -24.44 11.99
C ASN A 128 -12.81 -23.12 11.30
N GLU A 129 -12.81 -23.06 9.96
CA GLU A 129 -12.28 -21.87 9.30
C GLU A 129 -12.92 -20.56 9.80
N GLU A 130 -14.24 -20.51 9.95
CA GLU A 130 -14.85 -19.27 10.39
C GLU A 130 -14.38 -18.85 11.78
N ASP A 131 -13.93 -19.85 12.57
CA ASP A 131 -13.53 -19.68 13.96
C ASP A 131 -12.03 -19.72 14.15
N ILE A 132 -11.25 -19.54 13.06
CA ILE A 132 -9.80 -19.48 13.18
C ILE A 132 -9.39 -18.28 14.04
N GLY A 133 -8.36 -18.41 14.81
CA GLY A 133 -7.91 -17.28 15.61
C GLY A 133 -7.15 -16.27 14.78
N ALA A 134 -7.08 -15.02 15.26
CA ALA A 134 -6.22 -14.06 14.63
C ALA A 134 -4.77 -14.65 14.66
N GLY A 135 -4.01 -14.37 13.61
CA GLY A 135 -2.64 -14.89 13.52
C GLY A 135 -1.64 -14.18 14.40
N ASP A 136 -2.05 -13.06 15.01
CA ASP A 136 -1.22 -12.28 15.92
C ASP A 136 -2.16 -11.35 16.65
N GLN A 137 -1.63 -10.73 17.72
CA GLN A 137 -2.34 -9.59 18.27
C GLN A 137 -2.08 -8.39 17.36
N GLY A 138 -2.74 -7.28 17.62
CA GLY A 138 -2.43 -6.02 16.96
C GLY A 138 -3.64 -5.15 16.80
N LEU A 139 -3.37 -3.96 16.30
CA LEU A 139 -4.40 -2.95 16.04
C LEU A 139 -4.28 -2.54 14.59
N MET A 140 -5.41 -2.18 13.99
CA MET A 140 -5.49 -1.84 12.57
C MET A 140 -6.52 -0.75 12.40
N PHE A 141 -6.34 0.10 11.38
CA PHE A 141 -7.28 1.15 11.10
C PHE A 141 -7.72 1.15 9.66
N GLY A 142 -8.91 1.66 9.41
CA GLY A 142 -9.43 1.90 8.07
C GLY A 142 -9.88 3.35 8.01
N TYR A 143 -9.77 3.97 6.85
CA TYR A 143 -10.11 5.39 6.66
C TYR A 143 -10.77 5.57 5.32
N ALA A 144 -11.65 6.55 5.22
CA ALA A 144 -12.23 6.94 3.94
C ALA A 144 -12.60 8.40 4.04
N THR A 145 -12.48 9.11 2.91
CA THR A 145 -12.79 10.53 2.81
C THR A 145 -13.50 10.80 1.50
N ASP A 146 -14.53 11.61 1.53
CA ASP A 146 -15.29 11.93 0.31
C ASP A 146 -14.63 12.99 -0.57
N GLU A 147 -13.39 13.40 -0.27
CA GLU A 147 -12.73 14.44 -1.07
C GLU A 147 -12.41 14.00 -2.49
N THR A 148 -12.34 12.68 -2.76
CA THR A 148 -12.14 12.16 -4.08
C THR A 148 -13.18 11.06 -4.28
N GLU A 149 -13.48 10.74 -5.55
CA GLU A 149 -14.45 9.69 -5.84
C GLU A 149 -14.02 8.32 -5.32
N GLU A 150 -12.70 8.08 -5.31
CA GLU A 150 -12.17 6.80 -4.79
C GLU A 150 -12.06 6.81 -3.26
N CYS A 151 -12.52 7.85 -2.62
CA CYS A 151 -12.59 7.95 -1.16
C CYS A 151 -11.23 7.95 -0.47
N MET A 152 -10.26 8.55 -1.14
CA MET A 152 -8.89 8.64 -0.65
C MET A 152 -8.42 10.10 -0.58
N PRO A 153 -7.43 10.39 0.26
CA PRO A 153 -6.89 11.77 0.29
C PRO A 153 -6.26 12.17 -1.04
N LEU A 154 -6.52 13.40 -1.48
CA LEU A 154 -5.95 13.85 -2.74
C LEU A 154 -4.42 13.86 -2.70
N THR A 155 -3.83 14.20 -1.55
CA THR A 155 -2.36 14.24 -1.46
C THR A 155 -1.72 12.93 -1.91
N ILE A 156 -2.23 11.81 -1.37
CA ILE A 156 -1.61 10.51 -1.69
C ILE A 156 -2.01 10.04 -3.07
N VAL A 157 -3.24 10.31 -3.52
CA VAL A 157 -3.65 9.91 -4.87
C VAL A 157 -2.72 10.56 -5.89
N LEU A 158 -2.49 11.88 -5.75
CA LEU A 158 -1.63 12.56 -6.70
C LEU A 158 -0.20 12.03 -6.60
N ALA A 159 0.32 11.81 -5.37
CA ALA A 159 1.67 11.30 -5.24
C ALA A 159 1.82 9.95 -5.96
N HIS A 160 0.86 9.03 -5.77
CA HIS A 160 0.92 7.74 -6.47
C HIS A 160 0.87 7.92 -7.98
N LYS A 161 -0.04 8.78 -8.45
CA LYS A 161 -0.18 8.93 -9.90
C LYS A 161 1.09 9.52 -10.53
N LEU A 162 1.84 10.36 -9.80
CA LEU A 162 3.09 10.90 -10.36
C LEU A 162 4.10 9.75 -10.54
N ASN A 163 4.20 8.80 -9.55
CA ASN A 163 5.11 7.67 -9.74
C ASN A 163 4.65 6.78 -10.88
N ALA A 164 3.33 6.57 -11.01
CA ALA A 164 2.82 5.72 -12.09
C ALA A 164 3.13 6.34 -13.44
N LYS A 165 3.04 7.67 -13.54
CA LYS A 165 3.35 8.37 -14.78
C LYS A 165 4.82 8.21 -15.15
N LEU A 166 5.72 8.30 -14.16
CA LEU A 166 7.12 8.07 -14.43
C LEU A 166 7.34 6.68 -15.00
N ALA A 167 6.73 5.66 -14.39
CA ALA A 167 6.90 4.29 -14.88
C ALA A 167 6.33 4.13 -16.28
N GLU A 168 5.21 4.82 -16.58
CA GLU A 168 4.59 4.72 -17.90
C GLU A 168 5.53 5.31 -18.95
N LEU A 169 6.15 6.47 -18.69
CA LEU A 169 7.03 7.15 -19.63
C LEU A 169 8.35 6.46 -19.77
N ARG A 170 8.78 5.74 -18.73
CA ARG A 170 9.97 4.93 -18.81
C ARG A 170 9.67 3.76 -19.75
N ARG A 171 8.60 3.04 -19.49
CA ARG A 171 8.26 1.83 -20.24
C ARG A 171 7.90 2.09 -21.68
N ASN A 172 7.32 3.26 -22.02
CA ASN A 172 6.96 3.50 -23.41
C ASN A 172 8.10 4.19 -24.18
N GLY A 173 9.22 4.42 -23.51
CA GLY A 173 10.39 4.99 -24.18
C GLY A 173 10.36 6.48 -24.44
N THR A 174 9.33 7.21 -23.90
CA THR A 174 9.17 8.68 -24.01
C THR A 174 10.38 9.36 -23.35
N LEU A 175 10.75 8.88 -22.13
CA LEU A 175 11.85 9.43 -21.33
C LEU A 175 12.80 8.30 -21.03
N PRO A 176 13.66 7.95 -22.02
CA PRO A 176 14.48 6.73 -21.89
C PRO A 176 15.58 6.81 -20.85
N TRP A 177 15.84 8.01 -20.34
CA TRP A 177 16.81 8.23 -19.27
C TRP A 177 16.26 7.88 -17.91
N LEU A 178 14.96 7.62 -17.77
CA LEU A 178 14.39 7.27 -16.48
C LEU A 178 14.78 5.88 -16.06
N ARG A 179 14.95 5.69 -14.77
CA ARG A 179 15.24 4.40 -14.20
CA ARG A 179 15.21 4.38 -14.16
C ARG A 179 14.09 4.09 -13.17
N PRO A 180 13.98 2.85 -12.64
CA PRO A 180 12.78 2.48 -11.85
C PRO A 180 12.58 3.09 -10.47
N ASP A 181 13.65 3.56 -9.81
CA ASP A 181 13.59 4.05 -8.45
C ASP A 181 13.11 5.51 -8.44
N SER A 182 12.00 5.81 -7.78
CA SER A 182 11.48 7.18 -7.71
C SER A 182 10.76 7.42 -6.40
N LYS A 183 10.66 8.69 -6.05
CA LYS A 183 9.88 9.17 -4.91
C LYS A 183 9.18 10.42 -5.33
N THR A 184 8.00 10.66 -4.76
CA THR A 184 7.23 11.89 -5.01
C THR A 184 6.63 12.35 -3.70
N GLN A 185 6.25 13.62 -3.65
CA GLN A 185 5.65 14.15 -2.42
C GLN A 185 4.79 15.31 -2.83
N VAL A 186 3.58 15.37 -2.29
CA VAL A 186 2.62 16.42 -2.66
C VAL A 186 2.08 17.06 -1.40
N THR A 187 2.14 18.39 -1.37
CA THR A 187 1.55 19.19 -0.31
C THR A 187 0.35 19.89 -0.92
N VAL A 188 -0.84 19.65 -0.36
CA VAL A 188 -2.08 20.31 -0.79
C VAL A 188 -2.51 21.30 0.28
N GLN A 189 -3.00 22.46 -0.19
CA GLN A 189 -3.65 23.43 0.66
C GLN A 189 -5.15 23.11 0.62
N TYR A 190 -5.73 22.92 1.79
CA TYR A 190 -7.12 22.53 1.99
C TYR A 190 -7.87 23.60 2.73
N MET A 191 -9.20 23.56 2.58
CA MET A 191 -10.15 24.26 3.41
C MET A 191 -10.89 23.14 4.17
N GLN A 192 -11.56 23.49 5.23
CA GLN A 192 -12.34 22.53 5.97
CA GLN A 192 -12.32 22.55 6.05
C GLN A 192 -13.76 23.01 6.11
N ASP A 193 -14.70 22.06 6.16
CA ASP A 193 -16.13 22.31 6.27
C ASP A 193 -16.71 21.27 7.20
N ARG A 194 -16.85 21.65 8.48
CA ARG A 194 -17.43 20.84 9.55
C ARG A 194 -16.77 19.47 9.63
N GLY A 195 -15.45 19.48 9.62
CA GLY A 195 -14.71 18.24 9.72
C GLY A 195 -14.36 17.60 8.40
N ALA A 196 -15.06 17.91 7.29
CA ALA A 196 -14.67 17.37 5.97
C ALA A 196 -13.60 18.27 5.38
N VAL A 197 -12.82 17.76 4.40
CA VAL A 197 -11.75 18.56 3.84
C VAL A 197 -11.97 18.79 2.37
N LEU A 198 -11.61 19.99 1.91
CA LEU A 198 -11.82 20.41 0.56
C LEU A 198 -10.50 20.88 -0.05
N PRO A 199 -9.96 20.17 -1.05
CA PRO A 199 -8.68 20.62 -1.64
C PRO A 199 -8.86 21.92 -2.41
N ILE A 200 -7.94 22.86 -2.25
CA ILE A 200 -7.95 24.16 -2.93
C ILE A 200 -6.87 24.19 -4.03
N ARG A 201 -5.61 23.86 -3.70
CA ARG A 201 -4.51 23.99 -4.67
C ARG A 201 -3.37 23.14 -4.18
N VAL A 202 -2.47 22.86 -5.10
CA VAL A 202 -1.22 22.16 -4.80
C VAL A 202 -0.19 23.23 -4.42
N HIS A 203 0.34 23.13 -3.19
CA HIS A 203 1.29 24.08 -2.67
C HIS A 203 2.71 23.74 -3.08
N THR A 204 3.12 22.46 -2.96
CA THR A 204 4.48 22.01 -3.27
C THR A 204 4.46 20.63 -3.84
N ILE A 205 5.31 20.38 -4.84
CA ILE A 205 5.55 19.04 -5.36
C ILE A 205 7.04 18.72 -5.34
N VAL A 206 7.39 17.55 -4.87
CA VAL A 206 8.74 17.00 -4.95
C VAL A 206 8.70 15.81 -5.89
N ILE A 207 9.69 15.69 -6.78
CA ILE A 207 9.94 14.47 -7.53
C ILE A 207 11.41 14.22 -7.56
N SER A 208 11.83 13.03 -7.15
CA SER A 208 13.19 12.54 -7.32
C SER A 208 13.14 11.22 -8.05
N VAL A 209 13.89 11.09 -9.14
CA VAL A 209 13.88 9.84 -9.89
C VAL A 209 15.27 9.49 -10.40
N GLN A 210 15.64 8.23 -10.28
CA GLN A 210 16.90 7.72 -10.78
C GLN A 210 16.98 7.89 -12.28
N HIS A 211 18.19 8.22 -12.77
CA HIS A 211 18.36 8.56 -14.16
C HIS A 211 19.72 8.12 -14.69
N ASP A 212 19.84 8.11 -16.02
CA ASP A 212 21.10 7.73 -16.63
C ASP A 212 22.15 8.86 -16.54
N GLU A 213 23.38 8.50 -16.93
CA GLU A 213 24.54 9.38 -16.86
C GLU A 213 24.58 10.50 -17.87
N GLU A 214 23.81 10.38 -18.93
CA GLU A 214 23.87 11.31 -20.05
C GLU A 214 22.95 12.52 -19.96
N VAL A 215 21.75 12.36 -19.39
CA VAL A 215 20.76 13.43 -19.38
C VAL A 215 21.18 14.61 -18.49
N CYS A 216 20.90 15.85 -18.95
CA CYS A 216 21.21 17.04 -18.18
C CYS A 216 20.13 17.35 -17.13
N LEU A 217 20.52 17.99 -16.06
CA LEU A 217 19.60 18.38 -15.02
C LEU A 217 18.45 19.25 -15.55
N ASP A 218 18.75 20.26 -16.38
CA ASP A 218 17.67 21.12 -16.88
C ASP A 218 16.69 20.35 -17.78
N GLU A 219 17.20 19.42 -18.56
CA GLU A 219 16.33 18.60 -19.41
C GLU A 219 15.41 17.77 -18.51
N MET A 220 15.95 17.21 -17.43
CA MET A 220 15.09 16.42 -16.54
C MET A 220 14.06 17.30 -15.87
N ARG A 221 14.44 18.47 -15.35
CA ARG A 221 13.48 19.28 -14.64
C ARG A 221 12.36 19.75 -15.57
N ASP A 222 12.72 20.13 -16.80
CA ASP A 222 11.71 20.53 -17.77
C ASP A 222 10.74 19.38 -18.06
N ALA A 223 11.27 18.19 -18.30
CA ALA A 223 10.41 17.02 -18.59
C ALA A 223 9.52 16.64 -17.42
N LEU A 224 10.07 16.71 -16.20
CA LEU A 224 9.25 16.39 -15.04
C LEU A 224 8.10 17.36 -14.87
N LYS A 225 8.31 18.65 -15.14
CA LYS A 225 7.20 19.56 -15.03
C LYS A 225 6.21 19.38 -16.18
N GLU A 226 6.67 19.31 -17.43
CA GLU A 226 5.81 19.32 -18.59
C GLU A 226 5.15 17.98 -18.91
N LYS A 227 5.90 16.90 -18.80
CA LYS A 227 5.42 15.58 -19.19
C LYS A 227 4.92 14.73 -18.06
N VAL A 228 5.29 15.08 -16.81
CA VAL A 228 4.86 14.31 -15.67
C VAL A 228 3.84 15.09 -14.88
N ILE A 229 4.22 16.17 -14.24
CA ILE A 229 3.25 16.91 -13.41
C ILE A 229 2.07 17.40 -14.23
N LYS A 230 2.30 18.06 -15.36
CA LYS A 230 1.16 18.58 -16.10
C LYS A 230 0.26 17.49 -16.65
N ALA A 231 0.78 16.28 -16.84
CA ALA A 231 -0.01 15.17 -17.35
C ALA A 231 -0.81 14.51 -16.24
N VAL A 232 -0.53 14.83 -14.95
CA VAL A 232 -1.18 14.20 -13.80
C VAL A 232 -2.06 15.17 -13.00
N VAL A 233 -1.52 16.33 -12.67
CA VAL A 233 -2.20 17.23 -11.76
C VAL A 233 -3.06 18.20 -12.54
N PRO A 234 -4.36 18.30 -12.25
CA PRO A 234 -5.20 19.28 -12.96
C PRO A 234 -4.63 20.70 -12.85
N ALA A 235 -4.67 21.45 -13.96
CA ALA A 235 -4.14 22.80 -14.03
C ALA A 235 -4.80 23.71 -12.99
N LYS A 236 -6.06 23.43 -12.63
CA LYS A 236 -6.78 24.26 -11.66
C LYS A 236 -6.11 24.26 -10.28
N TYR A 237 -5.26 23.25 -10.01
CA TYR A 237 -4.57 23.18 -8.72
C TYR A 237 -3.20 23.81 -8.74
N LEU A 238 -2.68 24.15 -9.92
CA LEU A 238 -1.33 24.68 -10.07
C LEU A 238 -1.39 26.14 -10.39
N ASP A 239 -0.53 26.96 -9.77
CA ASP A 239 -0.54 28.39 -10.05
C ASP A 239 0.89 28.91 -9.97
N GLU A 240 1.07 30.23 -10.16
CA GLU A 240 2.41 30.82 -10.16
C GLU A 240 3.15 30.66 -8.83
N ASP A 241 2.41 30.41 -7.73
CA ASP A 241 3.01 30.24 -6.41
C ASP A 241 3.37 28.80 -6.07
N THR A 242 2.89 27.82 -6.85
CA THR A 242 3.21 26.41 -6.54
C THR A 242 4.72 26.24 -6.57
N ILE A 243 5.25 25.53 -5.58
CA ILE A 243 6.69 25.29 -5.43
C ILE A 243 7.05 23.93 -5.97
N TYR A 244 8.07 23.89 -6.83
CA TYR A 244 8.53 22.66 -7.43
C TYR A 244 9.94 22.32 -6.98
N HIS A 245 10.13 21.14 -6.42
CA HIS A 245 11.42 20.60 -6.05
C HIS A 245 11.63 19.39 -6.94
N LEU A 246 12.26 19.59 -8.10
CA LEU A 246 12.41 18.55 -9.12
C LEU A 246 13.86 18.15 -9.17
N GLN A 247 14.17 16.88 -8.96
CA GLN A 247 15.56 16.40 -8.82
C GLN A 247 16.30 17.32 -7.81
N PRO A 248 15.74 17.56 -6.61
CA PRO A 248 16.37 18.51 -5.67
C PRO A 248 17.73 18.07 -5.19
N SER A 249 18.10 16.79 -5.25
CA SER A 249 19.45 16.39 -4.83
C SER A 249 20.48 16.74 -5.89
N GLY A 250 20.03 17.03 -7.11
CA GLY A 250 20.93 17.38 -8.21
C GLY A 250 21.50 16.22 -9.00
N ARG A 251 21.54 15.01 -8.45
CA ARG A 251 22.13 13.85 -9.12
C ARG A 251 21.62 12.60 -8.46
N PHE A 252 21.08 11.69 -9.27
CA PHE A 252 20.51 10.45 -8.78
C PHE A 252 20.76 9.36 -9.83
N VAL A 253 22.02 9.02 -10.00
CA VAL A 253 22.44 7.97 -10.95
C VAL A 253 22.47 6.65 -10.22
N ILE A 254 23.10 6.61 -9.05
CA ILE A 254 23.08 5.41 -8.21
C ILE A 254 21.70 5.34 -7.58
N GLY A 255 21.04 4.22 -7.71
CA GLY A 255 19.69 4.06 -7.17
C GLY A 255 19.33 2.61 -6.98
N GLY A 256 18.06 2.35 -6.71
CA GLY A 256 17.62 1.00 -6.39
C GLY A 256 18.34 0.52 -5.14
N PRO A 257 18.44 -0.82 -4.99
CA PRO A 257 19.09 -1.38 -3.78
C PRO A 257 20.54 -0.96 -3.61
N GLN A 258 21.23 -0.64 -4.70
CA GLN A 258 22.58 -0.14 -4.59
C GLN A 258 22.66 1.18 -3.82
N GLY A 259 21.68 2.06 -4.01
CA GLY A 259 21.68 3.34 -3.29
C GLY A 259 21.17 3.28 -1.86
N ASP A 260 20.33 2.29 -1.55
CA ASP A 260 19.68 2.24 -0.24
C ASP A 260 19.10 0.87 -0.02
N ALA A 261 19.47 0.23 1.08
CA ALA A 261 18.91 -1.10 1.36
C ALA A 261 17.41 -1.01 1.51
N GLY A 262 16.67 -1.96 0.96
CA GLY A 262 15.22 -2.02 1.09
C GLY A 262 14.81 -3.22 1.91
N LEU A 263 13.66 -3.07 2.57
CA LEU A 263 13.07 -4.16 3.37
C LEU A 263 11.58 -4.17 3.15
N THR A 264 10.96 -5.32 3.28
CA THR A 264 9.49 -5.41 3.23
C THR A 264 8.89 -4.65 4.44
N GLY A 265 7.79 -3.96 4.20
CA GLY A 265 7.02 -3.35 5.28
C GLY A 265 7.60 -2.07 5.82
N ARG A 266 8.36 -1.34 4.99
CA ARG A 266 8.97 -0.07 5.33
C ARG A 266 8.31 1.10 4.62
N LYS A 267 7.18 0.86 3.98
CA LYS A 267 6.42 1.93 3.29
C LYS A 267 4.95 1.82 3.68
N ILE A 268 4.68 1.63 4.97
CA ILE A 268 3.33 1.31 5.40
C ILE A 268 2.36 2.48 5.29
N ILE A 269 2.90 3.69 5.33
CA ILE A 269 2.09 4.90 5.21
C ILE A 269 1.80 5.18 3.73
N VAL A 270 2.80 4.96 2.85
CA VAL A 270 2.59 5.00 1.40
C VAL A 270 1.53 3.94 1.00
N ASP A 271 1.52 2.78 1.67
CA ASP A 271 0.60 1.70 1.31
C ASP A 271 -0.83 2.02 1.68
N THR A 272 -1.06 2.99 2.61
CA THR A 272 -2.35 3.25 3.19
C THR A 272 -2.86 4.63 2.84
N TYR A 273 -2.76 5.60 3.75
CA TYR A 273 -3.45 6.88 3.57
C TYR A 273 -2.54 8.09 3.56
N GLY A 274 -1.23 7.89 3.38
CA GLY A 274 -0.38 9.07 3.28
C GLY A 274 -0.31 9.96 4.50
N GLY A 275 -0.55 9.38 5.66
CA GLY A 275 -0.47 10.11 6.91
C GLY A 275 -1.81 10.49 7.48
N TRP A 276 -2.84 10.53 6.61
CA TRP A 276 -4.20 10.78 7.06
C TRP A 276 -4.71 9.52 7.78
N GLY A 277 -5.85 9.63 8.45
CA GLY A 277 -6.40 8.47 9.14
C GLY A 277 -5.49 8.08 10.27
N ALA A 278 -5.13 6.78 10.33
CA ALA A 278 -4.23 6.25 11.37
C ALA A 278 -3.69 4.93 10.90
N HIS A 279 -2.68 4.42 11.63
CA HIS A 279 -2.04 3.16 11.27
C HIS A 279 -1.65 2.42 12.55
N GLY A 280 -1.89 1.11 12.53
CA GLY A 280 -1.56 0.26 13.68
C GLY A 280 -0.17 -0.34 13.67
N GLY A 281 0.60 -0.11 12.60
CA GLY A 281 2.00 -0.52 12.53
C GLY A 281 2.33 -1.74 11.72
N GLY A 282 1.35 -2.58 11.43
CA GLY A 282 1.60 -3.82 10.70
C GLY A 282 1.82 -3.62 9.22
N ALA A 283 2.73 -4.38 8.65
CA ALA A 283 2.99 -4.37 7.20
C ALA A 283 1.99 -5.30 6.53
N PHE A 284 1.72 -5.09 5.24
CA PHE A 284 0.80 -5.94 4.51
C PHE A 284 1.49 -7.03 3.70
N SER A 285 2.58 -6.71 2.98
CA SER A 285 3.08 -7.63 1.97
C SER A 285 3.71 -8.89 2.54
N GLY A 286 3.54 -9.99 1.82
CA GLY A 286 4.16 -11.26 2.20
C GLY A 286 3.38 -12.07 3.19
N LYS A 287 2.12 -11.67 3.49
CA LYS A 287 1.29 -12.29 4.53
C LYS A 287 -0.02 -12.81 3.99
N ASP A 288 -0.39 -14.03 4.40
CA ASP A 288 -1.69 -14.63 4.08
C ASP A 288 -2.79 -14.03 4.98
N TYR A 289 -4.05 -14.42 4.72
CA TYR A 289 -5.20 -13.80 5.40
C TYR A 289 -5.24 -13.97 6.90
N THR A 290 -4.61 -15.02 7.43
CA THR A 290 -4.65 -15.19 8.88
C THR A 290 -3.87 -14.13 9.62
N LYS A 291 -3.00 -13.38 8.93
CA LYS A 291 -2.25 -12.27 9.50
C LYS A 291 -3.16 -11.05 9.41
N VAL A 292 -3.84 -10.74 10.52
CA VAL A 292 -4.80 -9.65 10.61
C VAL A 292 -4.21 -8.29 10.31
N ASP A 293 -2.87 -8.11 10.41
CA ASP A 293 -2.27 -6.85 9.98
C ASP A 293 -2.73 -6.47 8.58
N ARG A 294 -2.90 -7.46 7.69
CA ARG A 294 -3.38 -7.19 6.36
C ARG A 294 -4.91 -7.35 6.28
N SER A 295 -5.45 -8.51 6.61
CA SER A 295 -6.87 -8.77 6.39
C SER A 295 -7.76 -7.85 7.16
N ALA A 296 -7.42 -7.50 8.40
CA ALA A 296 -8.31 -6.63 9.15
C ALA A 296 -8.16 -5.18 8.73
N ALA A 297 -6.98 -4.77 8.23
CA ALA A 297 -6.83 -3.41 7.69
C ALA A 297 -7.64 -3.29 6.39
N TYR A 298 -7.67 -4.36 5.57
CA TYR A 298 -8.50 -4.33 4.36
C TYR A 298 -9.96 -4.25 4.77
N ALA A 299 -10.38 -5.06 5.74
CA ALA A 299 -11.77 -5.03 6.20
C ALA A 299 -12.12 -3.68 6.81
N ALA A 300 -11.18 -3.06 7.55
CA ALA A 300 -11.49 -1.76 8.15
C ALA A 300 -11.63 -0.67 7.06
N ARG A 301 -10.83 -0.75 6.00
CA ARG A 301 -10.99 0.15 4.86
C ARG A 301 -12.39 -0.07 4.25
N TRP A 302 -12.82 -1.33 4.10
CA TRP A 302 -14.12 -1.68 3.54
C TRP A 302 -15.23 -1.11 4.39
N VAL A 303 -15.10 -1.17 5.73
CA VAL A 303 -16.09 -0.58 6.62
C VAL A 303 -16.15 0.93 6.43
N ALA A 304 -14.98 1.59 6.50
CA ALA A 304 -14.91 3.04 6.37
C ALA A 304 -15.49 3.52 5.06
N LYS A 305 -15.10 2.87 3.96
CA LYS A 305 -15.61 3.28 2.64
C LYS A 305 -17.13 3.01 2.56
N SER A 306 -17.63 1.97 3.21
CA SER A 306 -19.08 1.69 3.22
C SER A 306 -19.85 2.76 3.96
N LEU A 307 -19.28 3.28 5.06
CA LEU A 307 -19.91 4.36 5.83
C LEU A 307 -19.95 5.64 5.03
N VAL A 308 -18.90 5.97 4.29
CA VAL A 308 -18.87 7.20 3.52
C VAL A 308 -19.72 7.09 2.27
N LYS A 309 -19.59 6.02 1.50
CA LYS A 309 -20.43 5.86 0.29
C LYS A 309 -21.90 5.66 0.63
N GLY A 310 -22.19 5.17 1.83
CA GLY A 310 -23.54 5.00 2.35
C GLY A 310 -24.17 6.30 2.84
N GLY A 311 -23.40 7.39 2.80
CA GLY A 311 -23.86 8.72 3.19
C GLY A 311 -23.95 9.00 4.68
N LEU A 312 -23.37 8.12 5.53
CA LEU A 312 -23.43 8.32 6.96
C LEU A 312 -22.39 9.31 7.47
N CYS A 313 -21.26 9.46 6.78
CA CYS A 313 -20.29 10.47 7.14
CA CYS A 313 -20.07 10.27 7.15
C CYS A 313 -19.54 10.90 5.91
N ARG A 314 -18.85 12.02 6.04
CA ARG A 314 -18.05 12.55 4.94
C ARG A 314 -16.66 11.98 5.01
N ARG A 315 -16.16 11.73 6.23
CA ARG A 315 -14.91 11.01 6.43
C ARG A 315 -14.97 10.28 7.75
N VAL A 316 -14.24 9.18 7.85
CA VAL A 316 -14.34 8.36 9.05
C VAL A 316 -13.12 7.50 9.18
N LEU A 317 -12.78 7.22 10.44
CA LEU A 317 -11.70 6.35 10.85
C LEU A 317 -12.28 5.24 11.70
N VAL A 318 -11.81 4.02 11.47
CA VAL A 318 -12.22 2.83 12.21
C VAL A 318 -10.99 2.14 12.79
N GLN A 319 -10.98 1.82 14.08
CA GLN A 319 -9.96 0.99 14.68
C GLN A 319 -10.57 -0.37 15.01
N VAL A 320 -9.75 -1.41 14.87
CA VAL A 320 -10.06 -2.78 15.28
CA VAL A 320 -10.09 -2.75 15.30
C VAL A 320 -8.82 -3.33 15.95
N SER A 321 -8.98 -4.31 16.85
CA SER A 321 -7.79 -4.95 17.45
C SER A 321 -8.10 -6.41 17.74
N TYR A 322 -7.02 -7.21 17.89
CA TYR A 322 -7.13 -8.66 18.07
C TYR A 322 -6.11 -9.14 19.08
N ALA A 323 -6.34 -10.36 19.56
CA ALA A 323 -5.36 -11.13 20.34
C ALA A 323 -5.02 -12.37 19.52
N ILE A 324 -3.76 -12.82 19.54
CA ILE A 324 -3.41 -14.08 18.83
C ILE A 324 -4.27 -15.24 19.35
N GLY A 325 -4.79 -16.03 18.43
CA GLY A 325 -5.58 -17.21 18.76
C GLY A 325 -7.02 -16.94 19.06
N VAL A 326 -7.47 -15.69 19.06
CA VAL A 326 -8.85 -15.32 19.38
C VAL A 326 -9.49 -14.81 18.11
N SER A 327 -10.69 -15.30 17.77
CA SER A 327 -11.30 -14.92 16.51
CA SER A 327 -11.37 -14.95 16.53
C SER A 327 -11.97 -13.55 16.51
N HIS A 328 -12.81 -13.26 17.49
CA HIS A 328 -13.50 -11.96 17.52
C HIS A 328 -12.55 -10.84 17.87
N PRO A 329 -12.72 -9.67 17.25
CA PRO A 329 -11.91 -8.52 17.66
C PRO A 329 -12.12 -8.19 19.14
N LEU A 330 -11.07 -7.65 19.76
CA LEU A 330 -11.08 -7.24 21.16
C LEU A 330 -11.76 -5.91 21.31
N SER A 331 -11.66 -5.04 20.30
CA SER A 331 -12.20 -3.69 20.34
C SER A 331 -12.50 -3.25 18.93
N ILE A 332 -13.47 -2.36 18.81
CA ILE A 332 -13.81 -1.65 17.57
C ILE A 332 -14.17 -0.24 17.97
N SER A 333 -13.66 0.75 17.24
CA SER A 333 -13.87 2.16 17.59
C SER A 333 -14.03 2.98 16.34
N ILE A 334 -14.75 4.11 16.45
CA ILE A 334 -15.05 4.96 15.31
C ILE A 334 -14.76 6.42 15.61
N PHE A 335 -14.16 7.16 14.65
CA PHE A 335 -13.92 8.60 14.78
C PHE A 335 -14.49 9.21 13.49
N HIS A 336 -15.54 10.06 13.59
CA HIS A 336 -16.19 10.58 12.40
C HIS A 336 -15.82 12.02 12.09
N TYR A 337 -14.87 12.61 12.84
CA TYR A 337 -14.34 13.95 12.57
C TYR A 337 -15.42 15.03 12.65
N GLY A 338 -16.59 14.71 13.23
CA GLY A 338 -17.68 15.68 13.26
C GLY A 338 -18.50 15.68 11.97
N THR A 339 -18.32 14.70 11.07
CA THR A 339 -18.97 14.70 9.75
C THR A 339 -20.20 13.82 9.62
N SER A 340 -20.79 13.42 10.75
CA SER A 340 -22.02 12.63 10.77
C SER A 340 -23.01 13.31 11.71
N GLN A 341 -24.31 13.16 11.42
CA GLN A 341 -25.32 13.61 12.36
C GLN A 341 -25.40 12.58 13.48
N LYS A 342 -25.04 11.30 13.18
CA LYS A 342 -25.07 10.23 14.15
C LYS A 342 -23.86 10.31 15.05
N SER A 343 -24.01 9.91 16.31
CA SER A 343 -22.87 9.85 17.21
C SER A 343 -21.95 8.71 16.80
N GLU A 344 -20.72 8.73 17.31
CA GLU A 344 -19.79 7.65 17.09
C GLU A 344 -20.33 6.36 17.69
N ARG A 345 -21.05 6.43 18.85
CA ARG A 345 -21.67 5.25 19.43
C ARG A 345 -22.71 4.66 18.46
N GLU A 346 -23.57 5.49 17.82
CA GLU A 346 -24.56 4.97 16.87
C GLU A 346 -23.86 4.38 15.64
N LEU A 347 -22.79 5.04 15.13
CA LEU A 347 -22.09 4.46 13.97
C LEU A 347 -21.46 3.12 14.34
N LEU A 348 -20.91 3.01 15.55
CA LEU A 348 -20.32 1.74 15.99
C LEU A 348 -21.37 0.64 16.02
N GLU A 349 -22.58 0.94 16.51
CA GLU A 349 -23.67 -0.04 16.49
C GLU A 349 -24.04 -0.45 15.07
N ILE A 350 -24.02 0.49 14.12
CA ILE A 350 -24.30 0.13 12.73
C ILE A 350 -23.19 -0.79 12.20
N VAL A 351 -21.94 -0.48 12.52
CA VAL A 351 -20.84 -1.35 12.06
C VAL A 351 -21.02 -2.76 12.62
N LYS A 352 -21.32 -2.87 13.94
CA LYS A 352 -21.48 -4.19 14.57
C LYS A 352 -22.66 -4.98 14.00
N LYS A 353 -23.68 -4.29 13.54
CA LYS A 353 -24.82 -4.97 12.94
C LYS A 353 -24.57 -5.44 11.51
N ASN A 354 -23.62 -4.80 10.81
CA ASN A 354 -23.40 -5.07 9.39
C ASN A 354 -22.13 -5.83 9.06
N PHE A 355 -21.16 -5.91 9.97
CA PHE A 355 -19.88 -6.53 9.65
C PHE A 355 -19.51 -7.53 10.70
N ASP A 356 -18.82 -8.58 10.29
CA ASP A 356 -18.26 -9.59 11.19
C ASP A 356 -16.78 -9.65 10.87
N LEU A 357 -15.98 -9.11 11.78
CA LEU A 357 -14.58 -8.91 11.54
C LEU A 357 -13.69 -10.02 12.10
N ARG A 358 -14.27 -11.23 12.26
CA ARG A 358 -13.44 -12.39 12.53
C ARG A 358 -12.60 -12.65 11.25
N PRO A 359 -11.33 -13.05 11.38
CA PRO A 359 -10.54 -13.29 10.15
C PRO A 359 -11.10 -14.37 9.26
N GLY A 360 -11.72 -15.38 9.87
CA GLY A 360 -12.33 -16.47 9.12
C GLY A 360 -13.60 -16.08 8.38
N VAL A 361 -14.18 -14.94 8.67
CA VAL A 361 -15.31 -14.40 7.92
C VAL A 361 -14.77 -13.38 6.88
N ILE A 362 -13.84 -12.50 7.28
CA ILE A 362 -13.21 -11.55 6.35
C ILE A 362 -12.68 -12.29 5.12
N VAL A 363 -12.05 -13.45 5.31
CA VAL A 363 -11.48 -14.19 4.18
C VAL A 363 -12.52 -14.51 3.12
N ARG A 364 -13.73 -14.89 3.57
CA ARG A 364 -14.81 -15.20 2.67
C ARG A 364 -15.37 -13.94 2.04
N ASP A 365 -15.65 -12.89 2.83
CA ASP A 365 -16.20 -11.65 2.27
C ASP A 365 -15.27 -10.98 1.28
N LEU A 366 -13.97 -11.01 1.51
CA LEU A 366 -13.03 -10.31 0.68
C LEU A 366 -12.22 -11.21 -0.24
N ASP A 367 -12.55 -12.50 -0.28
CA ASP A 367 -11.92 -13.49 -1.17
C ASP A 367 -10.41 -13.51 -1.05
N LEU A 368 -9.92 -13.56 0.21
CA LEU A 368 -8.50 -13.33 0.49
C LEU A 368 -7.57 -14.50 0.24
N LYS A 369 -8.09 -15.60 -0.29
CA LYS A 369 -7.18 -16.68 -0.73
C LYS A 369 -6.80 -16.49 -2.21
N LYS A 370 -7.38 -15.49 -2.88
CA LYS A 370 -7.08 -15.27 -4.31
C LYS A 370 -5.69 -14.64 -4.49
N PRO A 371 -4.91 -15.15 -5.46
CA PRO A 371 -3.54 -14.65 -5.64
C PRO A 371 -3.48 -13.32 -6.39
N ILE A 372 -4.00 -12.25 -5.80
CA ILE A 372 -3.99 -10.92 -6.44
C ILE A 372 -3.09 -9.96 -5.67
N TYR A 373 -2.27 -10.48 -4.76
CA TYR A 373 -1.55 -9.62 -3.85
C TYR A 373 -0.44 -8.81 -4.48
N GLN A 374 0.27 -9.36 -5.48
CA GLN A 374 1.35 -8.53 -6.06
C GLN A 374 0.79 -7.24 -6.66
N ARG A 375 -0.45 -7.27 -7.16
CA ARG A 375 -1.08 -6.06 -7.70
C ARG A 375 -1.25 -4.96 -6.65
N THR A 376 -1.33 -5.32 -5.35
CA THR A 376 -1.52 -4.34 -4.27
C THR A 376 -0.24 -3.69 -3.83
N ALA A 377 0.93 -4.27 -4.21
CA ALA A 377 2.18 -3.94 -3.57
C ALA A 377 2.94 -2.72 -4.07
N ALA A 378 2.33 -2.00 -5.03
CA ALA A 378 2.82 -0.68 -5.44
C ALA A 378 1.61 0.21 -5.70
N TYR A 379 1.75 1.51 -5.49
CA TYR A 379 0.72 2.52 -5.74
C TYR A 379 -0.43 2.48 -4.75
N GLY A 380 -0.21 1.86 -3.59
CA GLY A 380 -1.21 1.86 -2.53
C GLY A 380 -2.13 0.68 -2.60
N HIS A 381 -2.62 0.21 -1.45
CA HIS A 381 -3.52 -0.94 -1.39
C HIS A 381 -4.97 -0.53 -1.56
N PHE A 382 -5.25 0.77 -1.45
CA PHE A 382 -6.60 1.32 -1.39
C PHE A 382 -6.86 2.30 -2.51
N GLY A 383 -8.13 2.50 -2.81
CA GLY A 383 -8.59 3.47 -3.78
C GLY A 383 -8.36 3.15 -5.24
N ARG A 384 -8.05 1.87 -5.54
CA ARG A 384 -7.75 1.42 -6.91
C ARG A 384 -8.42 0.10 -7.23
N ASP A 385 -8.72 -0.14 -8.52
CA ASP A 385 -9.07 -1.43 -9.15
C ASP A 385 -10.29 -2.21 -8.68
N SER A 386 -11.15 -1.62 -7.90
CA SER A 386 -12.35 -2.28 -7.42
C SER A 386 -12.07 -3.67 -6.82
N PHE A 387 -10.99 -3.78 -5.98
CA PHE A 387 -10.67 -4.97 -5.19
C PHE A 387 -11.86 -5.16 -4.25
N PRO A 388 -12.10 -6.34 -3.65
CA PRO A 388 -13.33 -6.50 -2.85
C PRO A 388 -13.51 -5.49 -1.71
N TRP A 389 -12.39 -5.03 -1.09
CA TRP A 389 -12.48 -4.08 0.02
C TRP A 389 -12.81 -2.68 -0.46
N GLU A 390 -12.85 -2.49 -1.79
CA GLU A 390 -13.18 -1.19 -2.38
C GLU A 390 -14.61 -1.16 -2.89
N VAL A 391 -15.36 -2.26 -2.76
CA VAL A 391 -16.76 -2.34 -3.20
C VAL A 391 -17.58 -2.15 -1.94
N PRO A 392 -18.26 -1.01 -1.75
CA PRO A 392 -18.98 -0.82 -0.48
C PRO A 392 -20.03 -1.86 -0.21
N LYS A 393 -20.26 -2.14 1.05
CA LYS A 393 -21.35 -3.00 1.47
C LYS A 393 -22.57 -2.09 1.69
N LYS A 394 -23.76 -2.52 1.21
CA LYS A 394 -25.01 -1.79 1.44
C LYS A 394 -25.42 -2.02 2.89
N LEU A 395 -25.57 -0.94 3.64
CA LEU A 395 -25.82 -1.04 5.08
C LEU A 395 -27.28 -1.07 5.46
N LYS A 396 -27.60 -1.88 6.47
CA LYS A 396 -28.94 -2.00 7.02
C LYS A 396 -28.94 -1.41 8.43
N TYR A 397 -29.85 -0.44 8.70
CA TYR A 397 -30.01 0.24 9.98
C TYR A 397 -31.34 0.99 10.04
#